data_6Q1E
#
_entry.id   6Q1E
#
_cell.length_a   45.440
_cell.length_b   69.670
_cell.length_c   74.440
_cell.angle_alpha   90.000
_cell.angle_beta   100.080
_cell.angle_gamma   90.000
#
_symmetry.space_group_name_H-M   'P 1 21 1'
#
loop_
_entity.id
_entity.type
_entity.pdbx_description
1 polymer 'Fab lambda chain'
2 polymer 'Fab heavy chain'
3 water water
#
loop_
_entity_poly.entity_id
_entity_poly.type
_entity_poly.pdbx_seq_one_letter_code
_entity_poly.pdbx_strand_id
1 'polypeptide(L)'
;ASSSELTQDPAVSVALGQTVRITCQGDSLRSYYASWYQQKPGQAPVLVIYGKNNRPSGIPDRFSGSSSGNTASLTITGAQ
AEDEADYYCNSRDSSGNHPVVFGGGTKLTVLGQPKGAPSVTLFPPSSEELQANKATLVCLISDFYPGAVTVAWKADSSPV
KAGVETTTPSKQSNNKYAASSYLSLTPEQWKSHRSYSCQVTHEGSTVEKTVAPTECS
;
L
2 'polypeptide(L)'
;ASQVQLQESGPGLVKPSGTLSLTCAVSGGSISSSNWWSWVRQPPGKGLEWIGEIYHSGSTNYNPSLKSRVTISVDKSKNQ
FSLKLSSVTAADTAVYYCARAPPYCSSTSCPDDYYYYYMDVWGKGTTVTVSGASTKGPSVFPLAPSSKSTSGGTAALGCL
VKDYFPEPVTVSWNSGALTSGVHTFPAVLQSSGLYSLSSVVTVPSSSLGTQTYICNVNHKPSNTKVDKRVEPKSCDKHHH
HHH
;
H
#
# COMPACT_ATOMS: atom_id res chain seq x y z
N GLU A 5 16.00 18.31 -9.96
CA GLU A 5 16.33 17.36 -8.92
C GLU A 5 16.34 18.00 -7.53
N LEU A 6 15.56 17.42 -6.62
CA LEU A 6 15.48 17.89 -5.24
C LEU A 6 16.08 16.84 -4.31
N THR A 7 16.84 17.30 -3.32
CA THR A 7 17.56 16.41 -2.42
C THR A 7 16.95 16.47 -1.03
N GLN A 8 16.81 15.29 -0.41
CA GLN A 8 16.35 15.16 0.96
C GLN A 8 17.30 14.24 1.72
N ASP A 9 17.13 14.18 3.03
CA ASP A 9 17.84 13.18 3.80
C ASP A 9 17.05 11.88 3.81
N PRO A 10 17.69 10.73 3.59
CA PRO A 10 16.92 9.48 3.51
C PRO A 10 16.30 9.05 4.84
N ALA A 11 16.89 9.41 5.97
CA ALA A 11 16.35 8.98 7.26
C ALA A 11 16.61 10.05 8.32
N VAL A 12 15.56 10.41 9.05
CA VAL A 12 15.64 11.36 10.15
C VAL A 12 14.82 10.82 11.31
N SER A 13 15.30 11.03 12.54
CA SER A 13 14.62 10.54 13.73
C SER A 13 14.36 11.69 14.69
N VAL A 14 13.26 11.56 15.45
CA VAL A 14 12.85 12.56 16.42
C VAL A 14 12.21 11.83 17.60
N ALA A 15 12.35 12.40 18.78
CA ALA A 15 11.74 11.83 19.98
C ALA A 15 10.38 12.48 20.22
N LEU A 16 9.49 11.72 20.86
CA LEU A 16 8.14 12.19 21.13
C LEU A 16 8.15 13.51 21.89
N GLY A 17 7.47 14.50 21.32
CA GLY A 17 7.35 15.80 21.95
C GLY A 17 8.38 16.83 21.54
N GLN A 18 9.37 16.45 20.73
CA GLN A 18 10.40 17.37 20.28
C GLN A 18 10.07 17.87 18.88
N THR A 19 10.96 18.72 18.35
CA THR A 19 10.77 19.38 17.07
C THR A 19 11.79 18.87 16.05
N VAL A 20 11.34 18.62 14.83
CA VAL A 20 12.17 18.10 13.75
C VAL A 20 11.99 18.97 12.51
N ARG A 21 13.08 19.10 11.74
CA ARG A 21 13.09 19.91 10.53
C ARG A 21 13.57 19.04 9.37
N ILE A 22 12.69 18.79 8.40
CA ILE A 22 13.01 18.02 7.21
C ILE A 22 13.33 19.00 6.09
N THR A 23 14.54 18.89 5.53
CA THR A 23 15.01 19.82 4.53
C THR A 23 14.83 19.28 3.11
N CYS A 24 14.60 20.20 2.17
CA CYS A 24 14.49 19.89 0.76
C CYS A 24 15.33 20.93 0.01
N GLN A 25 16.28 20.46 -0.79
CA GLN A 25 17.27 21.33 -1.41
C GLN A 25 17.28 21.15 -2.92
N GLY A 26 17.17 22.25 -3.65
CA GLY A 26 17.20 22.20 -5.11
C GLY A 26 17.29 23.58 -5.74
N ASP A 27 18.01 23.69 -6.86
CA ASP A 27 18.15 24.97 -7.53
C ASP A 27 16.81 25.50 -8.05
N SER A 28 15.88 24.60 -8.37
CA SER A 28 14.58 25.02 -8.87
C SER A 28 13.76 25.76 -7.83
N LEU A 29 14.04 25.55 -6.54
CA LEU A 29 13.29 26.18 -5.47
C LEU A 29 13.45 27.69 -5.41
N ARG A 30 14.44 28.25 -6.11
CA ARG A 30 14.55 29.70 -6.23
C ARG A 30 13.41 30.29 -7.04
N SER A 31 12.74 29.49 -7.85
CA SER A 31 11.72 29.98 -8.78
C SER A 31 10.30 29.57 -8.39
N TYR A 32 10.10 28.39 -7.84
CA TYR A 32 8.78 27.92 -7.45
C TYR A 32 8.79 27.42 -6.01
N TYR A 33 7.62 27.52 -5.37
CA TYR A 33 7.48 27.09 -3.99
C TYR A 33 7.45 25.57 -3.90
N ALA A 34 7.67 25.06 -2.70
CA ALA A 34 7.75 23.63 -2.45
C ALA A 34 6.51 23.15 -1.72
N SER A 35 5.93 22.06 -2.20
CA SER A 35 4.85 21.37 -1.51
C SER A 35 5.37 20.12 -0.82
N TRP A 36 4.60 19.63 0.15
CA TRP A 36 5.00 18.48 0.96
C TRP A 36 3.85 17.48 1.04
N TYR A 37 4.23 16.20 1.09
CA TYR A 37 3.27 15.11 1.21
C TYR A 37 3.70 14.16 2.33
N GLN A 38 2.70 13.58 2.98
CA GLN A 38 2.91 12.53 3.98
C GLN A 38 2.31 11.24 3.47
N GLN A 39 3.06 10.15 3.58
CA GLN A 39 2.61 8.84 3.12
C GLN A 39 2.92 7.78 4.17
N LYS A 40 1.89 7.06 4.58
CA LYS A 40 2.02 5.93 5.48
C LYS A 40 1.94 4.63 4.69
N PRO A 41 2.54 3.55 5.20
CA PRO A 41 2.62 2.31 4.41
C PRO A 41 1.25 1.78 4.04
N GLY A 42 1.07 1.49 2.75
CA GLY A 42 -0.18 0.97 2.23
C GLY A 42 -1.22 2.00 1.87
N GLN A 43 -0.84 3.27 1.80
CA GLN A 43 -1.79 4.35 1.53
C GLN A 43 -1.24 5.29 0.48
N ALA A 44 -2.10 6.17 -0.02
CA ALA A 44 -1.73 7.17 -0.99
C ALA A 44 -1.10 8.38 -0.31
N PRO A 45 -0.30 9.16 -1.04
CA PRO A 45 0.26 10.38 -0.45
C PRO A 45 -0.82 11.39 -0.12
N VAL A 46 -0.60 12.14 0.96
CA VAL A 46 -1.55 13.13 1.45
C VAL A 46 -0.85 14.48 1.50
N LEU A 47 -1.48 15.49 0.91
CA LEU A 47 -0.90 16.83 0.85
C LEU A 47 -0.97 17.49 2.23
N VAL A 48 0.15 18.04 2.69
CA VAL A 48 0.19 18.65 4.01
C VAL A 48 0.59 20.12 3.90
N ILE A 49 1.32 20.48 2.85
CA ILE A 49 1.74 21.86 2.62
C ILE A 49 1.56 22.17 1.14
N TYR A 50 0.69 23.12 0.82
CA TYR A 50 0.62 23.64 -0.55
C TYR A 50 1.95 24.26 -0.96
N GLY A 51 2.49 25.10 -0.12
CA GLY A 51 3.65 25.93 -0.40
C GLY A 51 3.73 27.05 0.58
N LYS A 52 4.95 27.60 0.72
CA LYS A 52 5.25 28.55 1.79
C LYS A 52 4.88 27.94 3.13
N ASN A 53 3.91 28.52 3.81
CA ASN A 53 3.41 28.02 5.08
C ASN A 53 1.89 27.81 5.03
N ASN A 54 1.36 27.47 3.86
CA ASN A 54 -0.07 27.27 3.69
C ASN A 54 -0.39 25.79 3.69
N ARG A 55 -1.31 25.39 4.56
CA ARG A 55 -1.70 24.00 4.73
C ARG A 55 -3.16 23.80 4.36
N PRO A 56 -3.51 22.64 3.81
CA PRO A 56 -4.93 22.31 3.62
C PRO A 56 -5.65 22.19 4.96
N SER A 57 -6.98 22.25 4.89
CA SER A 57 -7.78 22.02 6.08
C SER A 57 -7.69 20.56 6.51
N GLY A 58 -7.63 20.34 7.81
CA GLY A 58 -7.46 19.03 8.38
C GLY A 58 -6.06 18.72 8.84
N ILE A 59 -5.07 19.47 8.36
CA ILE A 59 -3.68 19.28 8.76
C ILE A 59 -3.44 20.04 10.05
N PRO A 60 -2.96 19.37 11.11
CA PRO A 60 -2.75 20.08 12.38
C PRO A 60 -1.66 21.15 12.25
N ASP A 61 -1.83 22.22 13.01
CA ASP A 61 -0.92 23.37 12.92
C ASP A 61 0.44 23.10 13.53
N ARG A 62 0.69 21.91 14.08
CA ARG A 62 2.05 21.56 14.47
C ARG A 62 2.95 21.40 13.25
N PHE A 63 2.36 21.20 12.06
CA PHE A 63 3.11 21.24 10.80
C PHE A 63 3.27 22.68 10.34
N SER A 64 4.46 23.01 9.85
CA SER A 64 4.73 24.34 9.35
C SER A 64 5.75 24.26 8.22
N GLY A 65 5.68 25.21 7.30
CA GLY A 65 6.56 25.24 6.16
C GLY A 65 7.25 26.58 6.01
N SER A 66 8.44 26.53 5.44
CA SER A 66 9.24 27.73 5.17
C SER A 66 10.18 27.43 4.01
N SER A 67 10.75 28.50 3.46
CA SER A 67 11.70 28.37 2.38
C SER A 67 12.50 29.65 2.26
N SER A 68 13.72 29.53 1.73
CA SER A 68 14.60 30.66 1.48
C SER A 68 15.72 30.23 0.55
N GLY A 69 15.92 30.95 -0.54
CA GLY A 69 16.95 30.60 -1.50
C GLY A 69 16.69 29.27 -2.20
N ASN A 70 17.60 28.32 -2.02
CA ASN A 70 17.53 27.03 -2.69
C ASN A 70 17.04 25.91 -1.78
N THR A 71 16.55 26.23 -0.59
CA THR A 71 16.16 25.23 0.37
C THR A 71 14.75 25.48 0.87
N ALA A 72 14.06 24.39 1.22
CA ALA A 72 12.75 24.44 1.84
C ALA A 72 12.74 23.45 3.01
N SER A 73 11.96 23.77 4.03
CA SER A 73 11.95 22.97 5.25
C SER A 73 10.53 22.74 5.74
N LEU A 74 10.24 21.49 6.08
CA LEU A 74 9.03 21.14 6.81
C LEU A 74 9.40 20.95 8.27
N THR A 75 8.67 21.62 9.16
CA THR A 75 8.95 21.59 10.60
C THR A 75 7.76 21.03 11.34
N ILE A 76 8.00 20.02 12.17
CA ILE A 76 6.97 19.39 13.00
C ILE A 76 7.30 19.70 14.45
N THR A 77 6.53 20.59 15.06
CA THR A 77 6.73 21.00 16.44
C THR A 77 5.95 20.07 17.36
N GLY A 78 6.63 19.45 18.32
CA GLY A 78 5.99 18.54 19.25
C GLY A 78 5.50 17.27 18.59
N ALA A 79 6.43 16.44 18.13
CA ALA A 79 6.08 15.27 17.34
C ALA A 79 5.28 14.26 18.16
N GLN A 80 4.22 13.73 17.56
CA GLN A 80 3.42 12.67 18.13
C GLN A 80 3.60 11.39 17.32
N ALA A 81 3.07 10.29 17.87
CA ALA A 81 3.30 8.98 17.27
C ALA A 81 2.74 8.89 15.86
N GLU A 82 1.61 9.55 15.58
CA GLU A 82 0.99 9.50 14.27
C GLU A 82 1.79 10.23 13.19
N ASP A 83 2.92 10.84 13.53
CA ASP A 83 3.76 11.52 12.55
C ASP A 83 4.82 10.63 11.96
N GLU A 84 4.87 9.36 12.36
CA GLU A 84 5.82 8.41 11.79
C GLU A 84 5.34 8.00 10.40
N ALA A 85 6.04 8.44 9.37
CA ALA A 85 5.66 8.20 7.98
C ALA A 85 6.80 8.65 7.08
N ASP A 86 6.57 8.52 5.76
CA ASP A 86 7.48 9.08 4.77
C ASP A 86 7.00 10.48 4.37
N TYR A 87 7.95 11.31 3.95
CA TYR A 87 7.66 12.69 3.56
C TYR A 87 8.39 13.01 2.27
N TYR A 88 7.65 13.49 1.28
CA TYR A 88 8.19 13.87 -0.01
C TYR A 88 7.97 15.36 -0.23
N CYS A 89 9.01 16.06 -0.68
CA CYS A 89 8.81 17.39 -1.20
C CYS A 89 8.62 17.33 -2.72
N ASN A 90 8.03 18.40 -3.25
CA ASN A 90 7.62 18.40 -4.65
C ASN A 90 7.51 19.85 -5.12
N SER A 91 8.02 20.11 -6.31
CA SER A 91 7.98 21.46 -6.88
C SER A 91 8.05 21.35 -8.40
N ARG A 92 8.33 22.48 -9.05
CA ARG A 92 8.39 22.58 -10.50
C ARG A 92 9.78 22.99 -10.92
N ASP A 93 10.33 22.29 -11.91
CA ASP A 93 11.68 22.59 -12.38
C ASP A 93 11.73 23.99 -13.00
N SER A 94 12.90 24.61 -12.91
CA SER A 94 13.11 25.95 -13.44
C SER A 94 13.77 25.95 -14.81
N SER A 95 14.29 24.81 -15.26
CA SER A 95 14.96 24.70 -16.55
C SER A 95 14.02 24.11 -17.61
N GLY A 96 14.28 24.46 -18.86
CA GLY A 96 13.53 23.87 -19.96
C GLY A 96 12.07 24.29 -19.94
N ASN A 97 11.20 23.33 -20.27
CA ASN A 97 9.76 23.55 -20.24
C ASN A 97 9.13 23.26 -18.87
N HIS A 98 9.95 23.23 -17.83
CA HIS A 98 9.53 23.11 -16.44
C HIS A 98 8.79 21.82 -16.16
N PRO A 99 9.46 20.67 -16.16
CA PRO A 99 8.84 19.44 -15.66
C PRO A 99 8.68 19.50 -14.15
N VAL A 100 7.98 18.52 -13.61
CA VAL A 100 7.73 18.44 -12.18
C VAL A 100 8.67 17.40 -11.58
N VAL A 101 9.38 17.80 -10.52
CA VAL A 101 10.36 16.94 -9.87
C VAL A 101 9.94 16.66 -8.44
N PHE A 102 10.31 15.48 -7.95
CA PHE A 102 10.05 15.05 -6.59
C PHE A 102 11.36 14.88 -5.84
N GLY A 103 11.28 15.00 -4.51
CA GLY A 103 12.39 14.61 -3.67
C GLY A 103 12.45 13.10 -3.48
N GLY A 104 13.62 12.62 -3.05
CA GLY A 104 13.79 11.20 -2.86
C GLY A 104 13.01 10.63 -1.70
N GLY A 105 12.57 11.47 -0.78
CA GLY A 105 11.81 11.04 0.38
C GLY A 105 12.65 11.06 1.64
N THR A 106 11.94 11.16 2.77
CA THR A 106 12.56 11.09 4.09
C THR A 106 11.70 10.20 4.97
N LYS A 107 12.28 9.10 5.43
CA LYS A 107 11.61 8.22 6.38
C LYS A 107 11.81 8.79 7.78
N LEU A 108 10.72 9.23 8.41
CA LEU A 108 10.77 9.87 9.73
C LEU A 108 10.41 8.85 10.80
N THR A 109 11.36 8.56 11.68
CA THR A 109 11.16 7.66 12.80
C THR A 109 10.88 8.46 14.07
N VAL A 110 9.89 8.01 14.84
CA VAL A 110 9.54 8.63 16.11
C VAL A 110 10.04 7.72 17.23
N LEU A 111 10.88 8.27 18.10
CA LEU A 111 11.49 7.49 19.18
C LEU A 111 10.62 7.54 20.43
N GLY A 112 10.80 6.51 21.27
CA GLY A 112 10.06 6.42 22.51
C GLY A 112 8.74 5.71 22.43
N GLN A 113 8.52 4.92 21.39
CA GLN A 113 7.24 4.23 21.33
C GLN A 113 7.30 2.92 22.11
N PRO A 114 6.17 2.47 22.68
CA PRO A 114 6.21 1.30 23.55
C PRO A 114 6.46 0.00 22.79
N LYS A 115 7.14 -0.93 23.46
CA LYS A 115 7.38 -2.25 22.92
C LYS A 115 6.11 -3.10 22.98
N GLY A 116 6.18 -4.28 22.38
CA GLY A 116 5.03 -5.16 22.34
C GLY A 116 5.37 -6.57 21.88
N ALA A 117 4.80 -7.56 22.56
CA ALA A 117 5.02 -8.96 22.21
C ALA A 117 4.12 -9.37 21.04
N PRO A 118 4.56 -10.32 20.22
CA PRO A 118 3.74 -10.74 19.08
C PRO A 118 2.57 -11.61 19.52
N SER A 119 1.42 -11.34 18.90
CA SER A 119 0.22 -12.16 19.09
C SER A 119 0.13 -13.14 17.92
N VAL A 120 0.08 -14.43 18.23
CA VAL A 120 0.20 -15.50 17.24
C VAL A 120 -1.12 -16.26 17.14
N THR A 121 -1.52 -16.56 15.91
CA THR A 121 -2.73 -17.35 15.65
C THR A 121 -2.42 -18.32 14.52
N LEU A 122 -2.65 -19.61 14.76
CA LEU A 122 -2.30 -20.68 13.83
C LEU A 122 -3.55 -21.43 13.42
N PHE A 123 -3.81 -21.46 12.10
CA PHE A 123 -4.96 -22.17 11.56
C PHE A 123 -4.53 -23.49 10.92
N PRO A 124 -5.25 -24.57 11.17
CA PRO A 124 -4.97 -25.84 10.48
C PRO A 124 -5.61 -25.83 9.10
N PRO A 125 -5.29 -26.81 8.25
CA PRO A 125 -5.92 -26.86 6.92
C PRO A 125 -7.41 -27.11 7.01
N SER A 126 -8.14 -26.51 6.09
CA SER A 126 -9.59 -26.67 6.06
C SER A 126 -9.97 -27.97 5.35
N SER A 127 -11.18 -28.46 5.66
CA SER A 127 -11.67 -29.69 5.05
C SER A 127 -11.81 -29.55 3.54
N GLU A 128 -12.14 -28.34 3.07
CA GLU A 128 -12.30 -28.13 1.63
C GLU A 128 -10.97 -28.23 0.90
N GLU A 129 -9.90 -27.71 1.50
CA GLU A 129 -8.60 -27.79 0.85
C GLU A 129 -8.07 -29.23 0.88
N LEU A 130 -8.31 -29.96 1.97
CA LEU A 130 -7.88 -31.35 2.04
C LEU A 130 -8.57 -32.20 0.98
N GLN A 131 -9.89 -32.01 0.81
CA GLN A 131 -10.61 -32.72 -0.23
C GLN A 131 -10.11 -32.38 -1.62
N ALA A 132 -9.49 -31.22 -1.81
CA ALA A 132 -8.86 -30.85 -3.06
C ALA A 132 -7.41 -31.31 -3.14
N ASN A 133 -6.98 -32.20 -2.24
CA ASN A 133 -5.64 -32.79 -2.24
C ASN A 133 -4.56 -31.73 -2.04
N LYS A 134 -4.81 -30.79 -1.15
CA LYS A 134 -3.82 -29.79 -0.76
C LYS A 134 -3.97 -29.51 0.73
N ALA A 135 -2.99 -28.78 1.29
CA ALA A 135 -2.98 -28.50 2.73
C ALA A 135 -2.06 -27.32 3.00
N THR A 136 -2.59 -26.29 3.66
CA THR A 136 -1.82 -25.10 4.03
C THR A 136 -1.99 -24.82 5.51
N LEU A 137 -0.89 -24.54 6.19
CA LEU A 137 -0.90 -24.06 7.57
C LEU A 137 -0.66 -22.56 7.57
N VAL A 138 -1.49 -21.83 8.30
CA VAL A 138 -1.45 -20.36 8.30
C VAL A 138 -1.11 -19.87 9.69
N CYS A 139 0.02 -19.19 9.82
CA CYS A 139 0.50 -18.63 11.08
C CYS A 139 0.49 -17.10 10.96
N LEU A 140 -0.38 -16.45 11.72
CA LEU A 140 -0.61 -15.01 11.64
C LEU A 140 -0.04 -14.32 12.87
N ILE A 141 0.83 -13.34 12.65
CA ILE A 141 1.58 -12.66 13.71
C ILE A 141 1.29 -11.18 13.63
N SER A 142 1.00 -10.56 14.78
CA SER A 142 0.61 -9.15 14.77
C SER A 142 0.95 -8.49 16.11
N ASP A 143 1.03 -7.16 16.06
CA ASP A 143 1.15 -6.29 17.23
C ASP A 143 2.49 -6.43 17.95
N PHE A 144 3.57 -6.71 17.22
CA PHE A 144 4.89 -6.77 17.82
C PHE A 144 5.67 -5.51 17.46
N TYR A 145 6.45 -5.00 18.42
CA TYR A 145 7.27 -3.83 18.26
C TYR A 145 8.47 -4.02 19.18
N PRO A 146 9.71 -3.85 18.68
CA PRO A 146 10.11 -3.44 17.33
C PRO A 146 9.78 -4.48 16.25
N GLY A 147 9.89 -4.08 14.98
CA GLY A 147 9.47 -4.90 13.87
C GLY A 147 10.53 -5.87 13.36
N ALA A 148 11.11 -6.65 14.26
CA ALA A 148 12.02 -7.74 13.90
C ALA A 148 11.52 -9.01 14.57
N VAL A 149 11.53 -10.11 13.81
CA VAL A 149 10.91 -11.35 14.28
C VAL A 149 11.50 -12.49 13.47
N THR A 150 11.48 -13.69 14.05
CA THR A 150 11.92 -14.91 13.38
C THR A 150 10.89 -16.01 13.61
N VAL A 151 10.55 -16.74 12.56
CA VAL A 151 9.52 -17.77 12.59
C VAL A 151 10.14 -19.10 12.19
N ALA A 152 9.87 -20.14 12.98
CA ALA A 152 10.36 -21.48 12.71
C ALA A 152 9.19 -22.45 12.80
N TRP A 153 9.20 -23.45 11.93
CA TRP A 153 8.16 -24.47 11.87
C TRP A 153 8.71 -25.81 12.36
N LYS A 154 7.82 -26.62 12.92
CA LYS A 154 8.19 -27.92 13.49
C LYS A 154 7.15 -28.96 13.11
N ALA A 155 7.61 -30.08 12.57
CA ALA A 155 6.77 -31.26 12.35
C ALA A 155 7.02 -32.22 13.52
N ASP A 156 5.98 -32.45 14.33
CA ASP A 156 6.13 -33.12 15.62
C ASP A 156 7.17 -32.36 16.45
N SER A 157 8.37 -32.91 16.58
CA SER A 157 9.46 -32.27 17.32
C SER A 157 10.69 -32.07 16.45
N SER A 158 10.50 -31.89 15.15
CA SER A 158 11.62 -31.78 14.22
C SER A 158 11.46 -30.57 13.32
N PRO A 159 12.54 -29.85 13.04
CA PRO A 159 12.45 -28.74 12.07
C PRO A 159 12.19 -29.27 10.67
N VAL A 160 11.42 -28.49 9.90
CA VAL A 160 10.98 -28.89 8.57
C VAL A 160 11.66 -28.07 7.48
N LYS A 161 11.59 -26.74 7.55
CA LYS A 161 12.37 -25.82 6.73
C LYS A 161 11.98 -25.82 5.25
N ALA A 162 11.25 -26.84 4.79
CA ALA A 162 10.85 -26.94 3.40
C ALA A 162 9.38 -26.60 3.23
N GLY A 163 9.08 -25.79 2.22
CA GLY A 163 7.70 -25.37 1.98
C GLY A 163 7.24 -24.21 2.82
N VAL A 164 8.16 -23.40 3.36
CA VAL A 164 7.83 -22.30 4.25
C VAL A 164 7.95 -20.99 3.49
N GLU A 165 6.94 -20.13 3.63
CA GLU A 165 6.95 -18.81 3.03
C GLU A 165 6.56 -17.80 4.10
N THR A 166 7.47 -16.87 4.41
CA THR A 166 7.26 -15.88 5.45
C THR A 166 7.42 -14.48 4.86
N THR A 167 6.50 -13.59 5.22
CA THR A 167 6.54 -12.21 4.76
C THR A 167 7.46 -11.38 5.65
N THR A 168 7.93 -10.26 5.09
CA THR A 168 8.67 -9.30 5.88
C THR A 168 7.71 -8.48 6.74
N PRO A 169 8.17 -7.95 7.88
CA PRO A 169 7.27 -7.19 8.74
C PRO A 169 6.81 -5.90 8.07
N SER A 170 5.53 -5.58 8.25
CA SER A 170 4.95 -4.34 7.76
C SER A 170 4.24 -3.64 8.91
N LYS A 171 4.20 -2.31 8.83
CA LYS A 171 3.72 -1.50 9.95
C LYS A 171 2.20 -1.38 9.92
N GLN A 172 1.57 -1.69 11.05
CA GLN A 172 0.13 -1.57 11.19
C GLN A 172 -0.26 -0.11 11.38
N SER A 173 -1.56 0.14 11.51
CA SER A 173 -2.06 1.50 11.70
C SER A 173 -1.69 2.06 13.07
N ASN A 174 -1.37 1.20 14.04
CA ASN A 174 -0.98 1.65 15.37
C ASN A 174 0.53 1.68 15.56
N ASN A 175 1.29 1.79 14.46
CA ASN A 175 2.75 1.80 14.37
C ASN A 175 3.39 0.50 14.85
N LYS A 176 2.62 -0.49 15.29
CA LYS A 176 3.19 -1.80 15.53
C LYS A 176 3.27 -2.57 14.21
N TYR A 177 3.77 -3.81 14.25
CA TYR A 177 4.07 -4.56 13.04
C TYR A 177 3.32 -5.90 13.01
N ALA A 178 3.14 -6.41 11.79
CA ALA A 178 2.47 -7.69 11.57
C ALA A 178 3.24 -8.48 10.52
N ALA A 179 3.04 -9.80 10.54
CA ALA A 179 3.65 -10.69 9.57
C ALA A 179 2.83 -11.97 9.47
N SER A 180 3.19 -12.83 8.53
CA SER A 180 2.50 -14.11 8.37
C SER A 180 3.43 -15.13 7.74
N SER A 181 3.19 -16.40 8.06
CA SER A 181 4.00 -17.50 7.55
C SER A 181 3.08 -18.63 7.11
N TYR A 182 3.46 -19.28 5.99
CA TYR A 182 2.65 -20.33 5.39
C TYR A 182 3.49 -21.58 5.20
N LEU A 183 2.96 -22.72 5.61
CA LEU A 183 3.60 -24.02 5.40
C LEU A 183 2.70 -24.86 4.49
N SER A 184 3.22 -25.22 3.33
CA SER A 184 2.47 -26.00 2.35
C SER A 184 2.88 -27.47 2.46
N LEU A 185 1.89 -28.33 2.62
CA LEU A 185 2.12 -29.76 2.80
C LEU A 185 1.19 -30.54 1.88
N THR A 186 1.48 -31.82 1.73
CA THR A 186 0.53 -32.72 1.09
C THR A 186 -0.45 -33.24 2.14
N PRO A 187 -1.64 -33.65 1.71
CA PRO A 187 -2.58 -34.25 2.68
C PRO A 187 -1.99 -35.46 3.41
N GLU A 188 -1.13 -36.23 2.74
CA GLU A 188 -0.49 -37.37 3.39
C GLU A 188 0.39 -36.92 4.55
N GLN A 189 1.21 -35.90 4.32
CA GLN A 189 2.11 -35.40 5.36
C GLN A 189 1.34 -34.83 6.54
N TRP A 190 0.20 -34.18 6.29
CA TRP A 190 -0.58 -33.59 7.37
C TRP A 190 -1.14 -34.65 8.30
N LYS A 191 -1.51 -35.81 7.76
CA LYS A 191 -2.14 -36.86 8.55
C LYS A 191 -1.15 -37.88 9.10
N SER A 192 0.10 -37.87 8.65
CA SER A 192 1.10 -38.82 9.10
C SER A 192 1.95 -38.29 10.25
N HIS A 193 1.72 -37.06 10.69
CA HIS A 193 2.36 -36.52 11.88
C HIS A 193 1.30 -36.22 12.93
N ARG A 194 1.74 -36.19 14.19
CA ARG A 194 0.79 -35.94 15.27
C ARG A 194 0.52 -34.45 15.48
N SER A 195 1.47 -33.59 15.13
CA SER A 195 1.27 -32.16 15.32
C SER A 195 2.30 -31.39 14.51
N TYR A 196 1.95 -30.15 14.19
CA TYR A 196 2.87 -29.16 13.64
C TYR A 196 2.87 -27.95 14.56
N SER A 197 3.96 -27.19 14.54
CA SER A 197 4.10 -26.05 15.44
C SER A 197 4.69 -24.85 14.71
N CYS A 198 4.19 -23.67 15.06
CA CYS A 198 4.71 -22.40 14.57
C CYS A 198 5.37 -21.67 15.75
N GLN A 199 6.68 -21.48 15.67
CA GLN A 199 7.46 -20.86 16.74
C GLN A 199 7.88 -19.47 16.34
N VAL A 200 7.42 -18.47 17.08
CA VAL A 200 7.68 -17.06 16.78
C VAL A 200 8.51 -16.48 17.91
N THR A 201 9.70 -15.96 17.56
CA THR A 201 10.62 -15.39 18.52
C THR A 201 10.76 -13.89 18.29
N HIS A 202 10.76 -13.12 19.37
CA HIS A 202 10.79 -11.66 19.28
C HIS A 202 11.44 -11.11 20.54
N GLU A 203 12.55 -10.39 20.37
CA GLU A 203 13.27 -9.78 21.49
C GLU A 203 13.69 -10.81 22.53
N GLY A 204 14.10 -12.00 22.06
CA GLY A 204 14.57 -13.06 22.92
C GLY A 204 13.51 -13.96 23.49
N SER A 205 12.22 -13.61 23.34
CA SER A 205 11.13 -14.40 23.87
C SER A 205 10.38 -15.08 22.73
N THR A 206 9.89 -16.30 22.98
CA THR A 206 9.31 -17.15 21.96
C THR A 206 7.87 -17.53 22.32
N VAL A 207 6.98 -17.51 21.33
CA VAL A 207 5.62 -17.99 21.45
C VAL A 207 5.44 -19.17 20.49
N GLU A 208 4.86 -20.25 20.99
CA GLU A 208 4.72 -21.48 20.23
C GLU A 208 3.26 -21.92 20.21
N LYS A 209 2.72 -22.11 19.01
CA LYS A 209 1.35 -22.59 18.83
C LYS A 209 1.39 -23.88 18.03
N THR A 210 0.50 -24.82 18.40
CA THR A 210 0.50 -26.17 17.83
C THR A 210 -0.90 -26.53 17.35
N VAL A 211 -0.96 -27.20 16.20
CA VAL A 211 -2.22 -27.74 15.68
C VAL A 211 -2.04 -29.24 15.44
N ALA A 212 -3.17 -29.94 15.36
CA ALA A 212 -3.16 -31.39 15.22
C ALA A 212 -4.32 -31.82 14.35
N PRO A 213 -4.16 -32.86 13.52
CA PRO A 213 -5.26 -33.30 12.66
C PRO A 213 -6.37 -33.96 13.48
N THR A 214 -7.60 -33.49 13.26
CA THR A 214 -8.76 -34.00 13.97
C THR A 214 -10.05 -33.69 13.21
N GLN B 3 -14.07 16.57 -10.64
CA GLN B 3 -13.17 17.40 -9.85
C GLN B 3 -13.15 16.93 -8.40
N VAL B 4 -14.33 16.57 -7.89
CA VAL B 4 -14.42 16.08 -6.53
C VAL B 4 -13.85 14.67 -6.39
N GLN B 5 -13.80 13.90 -7.46
CA GLN B 5 -13.29 12.53 -7.40
C GLN B 5 -12.69 12.11 -8.73
N LEU B 6 -11.55 11.43 -8.66
CA LEU B 6 -10.88 10.84 -9.82
C LEU B 6 -10.71 9.34 -9.56
N GLN B 7 -10.82 8.55 -10.63
CA GLN B 7 -10.69 7.09 -10.50
C GLN B 7 -9.98 6.53 -11.72
N GLU B 8 -8.89 5.79 -11.48
CA GLU B 8 -8.16 5.14 -12.55
C GLU B 8 -8.80 3.80 -12.92
N SER B 9 -8.40 3.27 -14.06
CA SER B 9 -8.85 1.96 -14.52
C SER B 9 -7.96 1.48 -15.66
N GLY B 10 -7.42 0.27 -15.54
CA GLY B 10 -6.51 -0.25 -16.53
C GLY B 10 -6.47 -1.76 -16.60
N PRO B 11 -5.44 -2.29 -17.25
CA PRO B 11 -5.37 -3.75 -17.47
C PRO B 11 -4.93 -4.52 -16.24
N GLY B 12 -4.00 -3.97 -15.47
CA GLY B 12 -3.43 -4.65 -14.32
C GLY B 12 -2.18 -5.44 -14.64
N LEU B 13 -2.17 -6.11 -15.79
CA LEU B 13 -1.02 -6.88 -16.25
C LEU B 13 -0.67 -6.44 -17.68
N VAL B 14 0.63 -6.27 -17.94
CA VAL B 14 1.13 -5.91 -19.26
C VAL B 14 2.35 -6.76 -19.56
N LYS B 15 2.37 -7.40 -20.74
CA LYS B 15 3.51 -8.21 -21.11
C LYS B 15 4.68 -7.32 -21.52
N PRO B 16 5.92 -7.79 -21.33
CA PRO B 16 7.09 -6.97 -21.68
C PRO B 16 7.06 -6.52 -23.13
N SER B 17 7.60 -5.33 -23.36
CA SER B 17 7.60 -4.63 -24.64
C SER B 17 6.20 -4.25 -25.11
N GLY B 18 5.20 -4.35 -24.24
CA GLY B 18 3.84 -3.97 -24.57
C GLY B 18 3.58 -2.50 -24.25
N THR B 19 2.31 -2.13 -24.33
CA THR B 19 1.87 -0.75 -24.14
C THR B 19 0.94 -0.68 -22.94
N LEU B 20 1.31 0.15 -21.96
CA LEU B 20 0.46 0.40 -20.81
C LEU B 20 -0.61 1.42 -21.18
N SER B 21 -1.87 1.11 -20.86
CA SER B 21 -3.00 1.95 -21.21
C SER B 21 -3.86 2.18 -19.96
N LEU B 22 -4.03 3.44 -19.59
CA LEU B 22 -4.79 3.79 -18.39
C LEU B 22 -5.73 4.94 -18.71
N THR B 23 -6.81 5.04 -17.92
CA THR B 23 -7.78 6.11 -18.09
C THR B 23 -8.23 6.59 -16.72
N CYS B 24 -8.41 7.90 -16.60
CA CYS B 24 -8.83 8.55 -15.35
C CYS B 24 -10.17 9.23 -15.62
N ALA B 25 -11.23 8.75 -14.99
CA ALA B 25 -12.55 9.34 -15.13
C ALA B 25 -12.74 10.46 -14.11
N VAL B 26 -13.12 11.64 -14.59
CA VAL B 26 -13.33 12.81 -13.75
C VAL B 26 -14.82 12.94 -13.48
N SER B 27 -15.20 12.93 -12.20
CA SER B 27 -16.61 13.03 -11.81
C SER B 27 -16.77 14.11 -10.76
N GLY B 28 -17.84 14.89 -10.90
CA GLY B 28 -18.09 16.02 -10.04
C GLY B 28 -17.57 17.34 -10.56
N GLY B 29 -16.83 17.33 -11.65
CA GLY B 29 -16.31 18.55 -12.26
C GLY B 29 -16.01 18.33 -13.72
N SER B 30 -15.69 19.42 -14.41
CA SER B 30 -15.43 19.40 -15.84
C SER B 30 -13.93 19.37 -16.11
N ILE B 31 -13.55 18.66 -17.17
CA ILE B 31 -12.16 18.59 -17.57
C ILE B 31 -11.68 19.93 -18.15
N SER B 32 -12.59 20.78 -18.60
CA SER B 32 -12.25 22.06 -19.21
C SER B 32 -11.83 23.12 -18.19
N SER B 33 -11.67 22.73 -16.92
CA SER B 33 -11.16 23.64 -15.92
C SER B 33 -9.71 24.02 -16.24
N SER B 34 -9.27 25.14 -15.67
CA SER B 34 -7.92 25.64 -15.87
C SER B 34 -6.99 24.93 -14.90
N ASN B 35 -6.68 23.68 -15.23
CA ASN B 35 -5.81 22.84 -14.41
C ASN B 35 -4.93 21.99 -15.30
N TRP B 36 -3.92 21.37 -14.69
CA TRP B 36 -3.01 20.46 -15.38
C TRP B 36 -3.25 19.05 -14.85
N TRP B 37 -3.88 18.21 -15.68
CA TRP B 37 -4.23 16.85 -15.29
C TRP B 37 -2.99 15.96 -15.42
N SER B 38 -2.51 15.44 -14.30
CA SER B 38 -1.20 14.82 -14.20
C SER B 38 -1.29 13.33 -13.94
N TRP B 39 -0.19 12.64 -14.24
CA TRP B 39 -0.02 11.23 -13.94
C TRP B 39 1.25 11.06 -13.09
N VAL B 40 1.14 10.26 -12.04
CA VAL B 40 2.25 9.98 -11.13
C VAL B 40 2.29 8.48 -10.87
N ARG B 41 3.50 7.95 -10.70
CA ARG B 41 3.68 6.54 -10.40
C ARG B 41 4.65 6.38 -9.23
N GLN B 42 4.65 5.18 -8.64
CA GLN B 42 5.54 4.85 -7.55
C GLN B 42 5.86 3.36 -7.62
N PRO B 43 7.06 3.01 -8.09
CA PRO B 43 7.48 1.59 -8.11
C PRO B 43 7.49 1.02 -6.72
N PRO B 44 7.37 -0.31 -6.58
CA PRO B 44 7.31 -0.92 -5.25
C PRO B 44 8.56 -0.65 -4.43
N GLY B 45 8.35 -0.07 -3.26
CA GLY B 45 9.46 0.22 -2.36
C GLY B 45 10.35 1.37 -2.78
N LYS B 46 9.86 2.24 -3.66
CA LYS B 46 10.62 3.36 -4.18
C LYS B 46 9.83 4.65 -3.95
N GLY B 47 10.30 5.75 -4.54
CA GLY B 47 9.70 7.05 -4.31
C GLY B 47 8.68 7.43 -5.37
N LEU B 48 8.20 8.66 -5.26
CA LEU B 48 7.24 9.19 -6.22
C LEU B 48 7.95 9.73 -7.46
N GLU B 49 7.31 9.55 -8.62
CA GLU B 49 7.88 9.97 -9.89
C GLU B 49 6.80 10.58 -10.75
N TRP B 50 7.05 11.79 -11.24
CA TRP B 50 6.10 12.51 -12.07
C TRP B 50 6.25 12.07 -13.53
N ILE B 51 5.13 11.79 -14.19
CA ILE B 51 5.14 11.26 -15.54
C ILE B 51 4.89 12.36 -16.56
N GLY B 52 3.78 13.07 -16.42
CA GLY B 52 3.45 14.14 -17.35
C GLY B 52 2.14 14.79 -16.99
N GLU B 53 1.75 15.75 -17.81
CA GLU B 53 0.53 16.52 -17.59
C GLU B 53 -0.05 16.96 -18.92
N ILE B 54 -1.32 17.35 -18.90
CA ILE B 54 -2.00 17.80 -20.11
C ILE B 54 -3.02 18.87 -19.73
N TYR B 55 -3.21 19.82 -20.64
CA TYR B 55 -4.23 20.86 -20.51
C TYR B 55 -5.48 20.43 -21.26
N HIS B 56 -6.60 21.11 -20.97
CA HIS B 56 -7.86 20.75 -21.60
C HIS B 56 -7.90 21.10 -23.09
N SER B 57 -6.95 21.90 -23.56
CA SER B 57 -6.83 22.20 -24.99
C SER B 57 -5.99 21.18 -25.74
N GLY B 58 -5.21 20.37 -25.03
CA GLY B 58 -4.41 19.32 -25.65
C GLY B 58 -2.91 19.48 -25.49
N SER B 59 -2.45 20.61 -24.97
CA SER B 59 -1.03 20.81 -24.77
C SER B 59 -0.52 19.92 -23.64
N THR B 60 0.66 19.33 -23.84
CA THR B 60 1.23 18.39 -22.89
C THR B 60 2.61 18.86 -22.44
N ASN B 61 3.10 18.22 -21.38
CA ASN B 61 4.45 18.46 -20.88
C ASN B 61 4.90 17.18 -20.18
N TYR B 62 6.03 16.63 -20.63
CA TYR B 62 6.43 15.28 -20.26
C TYR B 62 7.73 15.30 -19.45
N ASN B 63 7.94 14.19 -18.75
CA ASN B 63 9.19 13.97 -18.02
C ASN B 63 10.29 13.61 -19.00
N PRO B 64 11.39 14.36 -19.06
CA PRO B 64 12.39 14.15 -20.12
C PRO B 64 12.92 12.74 -20.22
N SER B 65 12.96 11.98 -19.12
CA SER B 65 13.47 10.62 -19.16
C SER B 65 12.45 9.63 -19.75
N LEU B 66 11.17 10.00 -19.80
CA LEU B 66 10.14 9.14 -20.35
C LEU B 66 9.51 9.73 -21.61
N LYS B 67 10.07 10.82 -22.14
CA LYS B 67 9.43 11.54 -23.24
C LYS B 67 9.26 10.67 -24.47
N SER B 68 10.20 9.77 -24.73
CA SER B 68 10.19 8.97 -25.96
C SER B 68 9.16 7.84 -25.93
N ARG B 69 8.47 7.62 -24.81
CA ARG B 69 7.57 6.49 -24.69
C ARG B 69 6.17 6.84 -24.21
N VAL B 70 5.88 8.10 -23.92
CA VAL B 70 4.62 8.45 -23.26
C VAL B 70 3.78 9.31 -24.18
N THR B 71 2.46 9.14 -24.05
CA THR B 71 1.48 9.99 -24.73
C THR B 71 0.29 10.16 -23.78
N ILE B 72 -0.04 11.40 -23.46
CA ILE B 72 -1.18 11.71 -22.60
C ILE B 72 -2.24 12.41 -23.45
N SER B 73 -3.48 11.94 -23.33
CA SER B 73 -4.58 12.45 -24.14
C SER B 73 -5.71 12.90 -23.24
N VAL B 74 -6.65 13.67 -23.82
CA VAL B 74 -7.81 14.15 -23.10
C VAL B 74 -9.04 13.94 -23.99
N ASP B 75 -10.09 13.34 -23.43
CA ASP B 75 -11.31 13.03 -24.16
C ASP B 75 -12.44 13.88 -23.59
N LYS B 76 -12.66 15.06 -24.19
CA LYS B 76 -13.68 15.98 -23.69
C LYS B 76 -15.08 15.44 -23.88
N SER B 77 -15.27 14.43 -24.72
CA SER B 77 -16.60 13.84 -24.90
C SER B 77 -16.97 12.90 -23.77
N LYS B 78 -16.00 12.41 -23.01
CA LYS B 78 -16.26 11.52 -21.89
C LYS B 78 -15.79 12.08 -20.55
N ASN B 79 -15.29 13.31 -20.53
CA ASN B 79 -14.76 13.94 -19.31
C ASN B 79 -13.65 13.09 -18.71
N GLN B 80 -12.68 12.72 -19.55
CA GLN B 80 -11.62 11.81 -19.17
C GLN B 80 -10.29 12.29 -19.71
N PHE B 81 -9.21 11.80 -19.10
CA PHE B 81 -7.88 11.88 -19.69
C PHE B 81 -7.17 10.56 -19.45
N SER B 82 -6.34 10.17 -20.42
CA SER B 82 -5.76 8.83 -20.45
C SER B 82 -4.24 8.90 -20.49
N LEU B 83 -3.62 7.73 -20.39
CA LEU B 83 -2.18 7.60 -20.37
C LEU B 83 -1.77 6.39 -21.21
N LYS B 84 -0.69 6.54 -21.98
CA LYS B 84 -0.12 5.46 -22.75
C LYS B 84 1.39 5.44 -22.56
N LEU B 85 1.94 4.25 -22.31
CA LEU B 85 3.36 4.07 -22.07
C LEU B 85 3.80 2.81 -22.81
N SER B 86 4.62 2.99 -23.84
CA SER B 86 5.01 1.89 -24.72
C SER B 86 6.41 1.40 -24.38
N SER B 87 6.76 0.24 -24.95
CA SER B 87 8.06 -0.40 -24.77
C SER B 87 8.35 -0.64 -23.29
N VAL B 88 7.36 -1.20 -22.58
CA VAL B 88 7.50 -1.36 -21.14
C VAL B 88 8.52 -2.45 -20.82
N THR B 89 9.10 -2.35 -19.63
CA THR B 89 10.00 -3.36 -19.10
C THR B 89 9.61 -3.67 -17.66
N ALA B 90 10.40 -4.49 -16.98
CA ALA B 90 10.08 -4.81 -15.59
C ALA B 90 10.16 -3.57 -14.70
N ALA B 91 10.99 -2.59 -15.07
CA ALA B 91 11.14 -1.39 -14.26
C ALA B 91 9.93 -0.47 -14.32
N ASP B 92 8.94 -0.79 -15.14
CA ASP B 92 7.72 0.01 -15.24
C ASP B 92 6.61 -0.50 -14.33
N THR B 93 6.83 -1.62 -13.65
CA THR B 93 5.89 -2.08 -12.62
C THR B 93 5.81 -1.06 -11.50
N ALA B 94 4.60 -0.56 -11.24
CA ALA B 94 4.41 0.50 -10.25
C ALA B 94 2.91 0.64 -9.98
N VAL B 95 2.60 1.51 -9.02
CA VAL B 95 1.24 1.97 -8.78
C VAL B 95 1.11 3.34 -9.41
N TYR B 96 0.12 3.51 -10.30
CA TYR B 96 -0.05 4.73 -11.06
C TYR B 96 -1.20 5.54 -10.50
N TYR B 97 -0.99 6.85 -10.36
CA TYR B 97 -1.98 7.78 -9.86
C TYR B 97 -2.27 8.84 -10.92
N CYS B 98 -3.53 9.27 -10.98
CA CYS B 98 -3.89 10.48 -11.69
C CYS B 98 -4.26 11.55 -10.67
N ALA B 99 -3.88 12.79 -10.96
CA ALA B 99 -4.09 13.89 -10.03
C ALA B 99 -4.34 15.16 -10.82
N ARG B 100 -4.58 16.26 -10.09
CA ARG B 100 -4.88 17.55 -10.68
C ARG B 100 -3.99 18.61 -10.06
N ALA B 101 -3.32 19.39 -10.89
CA ALA B 101 -2.41 20.45 -10.51
C ALA B 101 -2.98 21.83 -10.86
N PRO B 102 -2.56 22.87 -10.15
CA PRO B 102 -3.10 24.21 -10.42
C PRO B 102 -2.41 24.87 -11.59
N PRO B 103 -2.92 25.99 -12.09
CA PRO B 103 -2.20 26.75 -13.10
C PRO B 103 -1.02 27.50 -12.49
N TYR B 104 -0.09 27.91 -13.37
CA TYR B 104 1.14 28.55 -12.93
C TYR B 104 1.62 29.50 -14.01
N CYS B 105 2.69 30.23 -13.70
CA CYS B 105 3.34 31.12 -14.66
C CYS B 105 4.79 30.73 -14.82
N SER B 106 5.27 30.74 -16.06
CA SER B 106 6.67 30.59 -16.36
C SER B 106 7.39 31.92 -16.53
N SER B 107 6.64 33.03 -16.49
CA SER B 107 7.22 34.36 -16.62
C SER B 107 7.74 34.81 -15.26
N THR B 108 8.05 36.10 -15.13
CA THR B 108 8.63 36.64 -13.90
C THR B 108 7.83 37.81 -13.34
N SER B 109 6.58 37.98 -13.75
CA SER B 109 5.79 39.13 -13.32
C SER B 109 4.31 38.77 -13.22
N CYS B 110 4.02 37.61 -12.62
CA CYS B 110 2.66 37.23 -12.31
C CYS B 110 2.36 37.51 -10.85
N PRO B 111 1.08 37.53 -10.46
CA PRO B 111 0.75 37.55 -9.04
C PRO B 111 1.34 36.34 -8.32
N ASP B 112 1.50 36.49 -7.00
CA ASP B 112 2.31 35.54 -6.24
C ASP B 112 1.72 34.13 -6.27
N ASP B 113 0.41 33.99 -6.39
CA ASP B 113 -0.23 32.69 -6.32
C ASP B 113 -0.05 31.84 -7.57
N TYR B 114 0.81 32.26 -8.50
CA TYR B 114 1.04 31.52 -9.73
C TYR B 114 2.41 30.85 -9.75
N TYR B 115 3.08 30.78 -8.61
CA TYR B 115 4.36 30.08 -8.50
C TYR B 115 4.29 28.92 -7.52
N TYR B 116 3.09 28.59 -7.03
CA TYR B 116 2.87 27.36 -6.30
C TYR B 116 2.83 26.17 -7.25
N TYR B 117 3.17 25.00 -6.71
CA TYR B 117 2.85 23.74 -7.39
C TYR B 117 2.52 22.68 -6.36
N TYR B 118 1.45 21.94 -6.62
CA TYR B 118 1.02 20.86 -5.75
C TYR B 118 0.00 20.03 -6.52
N MET B 119 -0.43 18.93 -5.90
CA MET B 119 -1.49 18.08 -6.45
C MET B 119 -2.41 17.72 -5.29
N ASP B 120 -3.53 18.44 -5.18
CA ASP B 120 -4.41 18.31 -4.02
C ASP B 120 -5.53 17.29 -4.21
N VAL B 121 -5.89 16.95 -5.44
CA VAL B 121 -6.91 15.94 -5.72
C VAL B 121 -6.22 14.76 -6.38
N TRP B 122 -6.25 13.60 -5.70
CA TRP B 122 -5.62 12.39 -6.20
C TRP B 122 -6.68 11.32 -6.42
N GLY B 123 -6.33 10.36 -7.28
CA GLY B 123 -7.11 9.15 -7.40
C GLY B 123 -6.73 8.14 -6.33
N LYS B 124 -7.38 6.98 -6.40
CA LYS B 124 -7.06 5.90 -5.48
C LYS B 124 -5.86 5.08 -5.93
N GLY B 125 -5.38 5.29 -7.16
CA GLY B 125 -4.24 4.54 -7.65
C GLY B 125 -4.61 3.17 -8.18
N THR B 126 -3.83 2.67 -9.14
CA THR B 126 -4.06 1.34 -9.69
C THR B 126 -2.71 0.66 -9.87
N THR B 127 -2.70 -0.66 -9.66
CA THR B 127 -1.47 -1.46 -9.69
C THR B 127 -1.32 -2.09 -11.07
N VAL B 128 -0.19 -1.82 -11.72
CA VAL B 128 0.14 -2.40 -13.01
C VAL B 128 1.48 -3.11 -12.88
N THR B 129 1.49 -4.42 -13.12
CA THR B 129 2.72 -5.21 -13.06
C THR B 129 3.07 -5.69 -14.46
N VAL B 130 4.29 -5.42 -14.88
CA VAL B 130 4.78 -5.83 -16.20
C VAL B 130 5.37 -7.23 -16.07
N SER B 131 4.67 -8.22 -16.62
CA SER B 131 5.09 -9.61 -16.50
C SER B 131 4.68 -10.39 -17.74
N GLY B 132 5.45 -11.42 -18.05
CA GLY B 132 5.15 -12.34 -19.12
C GLY B 132 4.31 -13.53 -18.74
N ALA B 133 3.94 -13.62 -17.46
CA ALA B 133 3.07 -14.70 -17.00
C ALA B 133 1.61 -14.35 -17.25
N SER B 134 0.72 -15.29 -16.92
CA SER B 134 -0.70 -15.15 -17.20
C SER B 134 -1.47 -14.88 -15.90
N THR B 135 -2.63 -14.25 -16.06
CA THR B 135 -3.47 -13.91 -14.92
C THR B 135 -4.06 -15.17 -14.31
N LYS B 136 -3.99 -15.26 -12.98
CA LYS B 136 -4.47 -16.43 -12.23
C LYS B 136 -5.40 -15.95 -11.13
N GLY B 137 -6.64 -16.43 -11.13
CA GLY B 137 -7.61 -16.09 -10.12
C GLY B 137 -7.33 -16.80 -8.81
N PRO B 138 -7.97 -16.35 -7.73
CA PRO B 138 -7.69 -16.91 -6.41
C PRO B 138 -8.59 -18.09 -6.04
N SER B 139 -8.10 -18.88 -5.09
CA SER B 139 -8.88 -19.94 -4.46
C SER B 139 -9.08 -19.57 -2.99
N VAL B 140 -10.33 -19.48 -2.56
CA VAL B 140 -10.68 -19.02 -1.23
C VAL B 140 -11.12 -20.21 -0.39
N PHE B 141 -10.49 -20.38 0.77
CA PHE B 141 -10.82 -21.43 1.72
C PHE B 141 -11.11 -20.83 3.08
N PRO B 142 -12.06 -21.38 3.83
CA PRO B 142 -12.40 -20.82 5.13
C PRO B 142 -11.40 -21.24 6.20
N LEU B 143 -11.24 -20.36 7.18
CA LEU B 143 -10.42 -20.63 8.36
C LEU B 143 -11.37 -20.69 9.56
N ALA B 144 -11.64 -21.91 10.03
CA ALA B 144 -12.66 -22.13 11.04
C ALA B 144 -12.30 -21.44 12.36
N PRO B 145 -13.30 -21.02 13.13
CA PRO B 145 -13.04 -20.16 14.30
C PRO B 145 -12.13 -20.81 15.33
N SER B 146 -11.36 -19.97 16.02
CA SER B 146 -10.48 -20.36 17.11
C SER B 146 -10.44 -19.24 18.12
N SER B 147 -10.66 -19.56 19.40
CA SER B 147 -10.74 -18.57 20.46
C SER B 147 -9.53 -18.58 21.38
N LYS B 148 -8.50 -19.37 21.06
CA LYS B 148 -7.40 -19.57 21.99
C LYS B 148 -6.48 -18.36 22.07
N SER B 149 -6.29 -17.65 20.96
CA SER B 149 -5.35 -16.54 20.89
C SER B 149 -6.00 -15.18 21.11
N THR B 150 -7.30 -15.12 21.36
CA THR B 150 -8.01 -13.86 21.55
C THR B 150 -8.40 -13.69 23.02
N SER B 151 -8.94 -12.52 23.32
CA SER B 151 -9.31 -12.19 24.69
C SER B 151 -10.53 -12.99 25.13
N GLY B 152 -11.01 -12.70 26.33
CA GLY B 152 -12.14 -13.42 26.90
C GLY B 152 -13.43 -13.21 26.14
N GLY B 153 -14.05 -14.29 25.70
CA GLY B 153 -15.32 -14.21 25.01
C GLY B 153 -15.24 -13.78 23.56
N THR B 154 -14.09 -13.98 22.91
CA THR B 154 -13.94 -13.67 21.50
C THR B 154 -13.22 -14.82 20.80
N ALA B 155 -13.43 -14.91 19.49
CA ALA B 155 -12.81 -15.92 18.66
C ALA B 155 -12.33 -15.29 17.36
N ALA B 156 -11.46 -16.00 16.65
CA ALA B 156 -10.86 -15.53 15.41
C ALA B 156 -11.17 -16.49 14.28
N LEU B 157 -11.83 -15.99 13.24
CA LEU B 157 -12.11 -16.75 12.03
C LEU B 157 -11.67 -15.94 10.83
N GLY B 158 -11.34 -16.62 9.74
CA GLY B 158 -10.81 -15.90 8.60
C GLY B 158 -10.98 -16.62 7.28
N CYS B 159 -10.40 -16.02 6.25
CA CYS B 159 -10.43 -16.54 4.89
C CYS B 159 -9.00 -16.60 4.34
N LEU B 160 -8.71 -17.68 3.61
CA LEU B 160 -7.40 -17.90 2.99
C LEU B 160 -7.53 -17.72 1.49
N VAL B 161 -6.85 -16.72 0.95
CA VAL B 161 -6.87 -16.41 -0.48
C VAL B 161 -5.57 -16.93 -1.09
N LYS B 162 -5.65 -18.02 -1.83
CA LYS B 162 -4.48 -18.78 -2.25
C LYS B 162 -4.23 -18.63 -3.75
N ASP B 163 -2.97 -18.41 -4.11
CA ASP B 163 -2.47 -18.52 -5.48
C ASP B 163 -3.21 -17.62 -6.47
N TYR B 164 -2.88 -16.32 -6.48
CA TYR B 164 -3.45 -15.41 -7.45
C TYR B 164 -2.33 -14.56 -8.06
N PHE B 165 -2.62 -13.98 -9.23
CA PHE B 165 -1.66 -13.14 -9.92
C PHE B 165 -2.37 -12.32 -10.97
N PRO B 166 -2.08 -11.02 -11.08
CA PRO B 166 -1.15 -10.31 -10.20
C PRO B 166 -1.88 -9.65 -9.01
N GLU B 167 -1.19 -8.71 -8.36
CA GLU B 167 -1.78 -7.95 -7.26
C GLU B 167 -2.76 -6.92 -7.81
N PRO B 168 -3.73 -6.48 -6.99
CA PRO B 168 -4.01 -6.90 -5.62
C PRO B 168 -5.35 -7.62 -5.45
N VAL B 169 -5.67 -7.99 -4.21
CA VAL B 169 -7.00 -8.45 -3.84
C VAL B 169 -7.47 -7.62 -2.65
N THR B 170 -8.77 -7.42 -2.56
CA THR B 170 -9.40 -6.76 -1.43
C THR B 170 -10.37 -7.72 -0.76
N VAL B 171 -10.53 -7.58 0.56
CA VAL B 171 -11.41 -8.45 1.33
C VAL B 171 -12.31 -7.58 2.20
N SER B 172 -13.58 -7.95 2.26
CA SER B 172 -14.55 -7.35 3.18
C SER B 172 -15.39 -8.46 3.78
N TRP B 173 -16.16 -8.11 4.81
CA TRP B 173 -16.92 -9.10 5.56
C TRP B 173 -18.38 -8.67 5.65
N ASN B 174 -19.28 -9.60 5.31
CA ASN B 174 -20.73 -9.37 5.35
C ASN B 174 -21.12 -8.12 4.57
N SER B 175 -20.57 -8.01 3.35
CA SER B 175 -20.85 -6.90 2.44
C SER B 175 -20.56 -5.55 3.08
N GLY B 176 -19.47 -5.50 3.85
CA GLY B 176 -19.07 -4.27 4.52
C GLY B 176 -19.76 -3.97 5.82
N ALA B 177 -20.78 -4.75 6.19
CA ALA B 177 -21.48 -4.51 7.45
C ALA B 177 -20.63 -4.87 8.67
N LEU B 178 -19.57 -5.63 8.48
CA LEU B 178 -18.68 -6.05 9.57
C LEU B 178 -17.31 -5.42 9.33
N THR B 179 -16.99 -4.40 10.11
CA THR B 179 -15.72 -3.69 9.97
C THR B 179 -14.87 -3.70 11.22
N SER B 180 -15.48 -3.80 12.40
CA SER B 180 -14.71 -3.82 13.63
C SER B 180 -14.04 -5.19 13.82
N GLY B 181 -12.74 -5.17 14.08
CA GLY B 181 -11.99 -6.39 14.31
C GLY B 181 -11.44 -7.06 13.08
N VAL B 182 -11.55 -6.44 11.92
CA VAL B 182 -11.06 -7.04 10.67
C VAL B 182 -9.59 -6.67 10.49
N HIS B 183 -8.77 -7.67 10.16
CA HIS B 183 -7.36 -7.46 9.88
C HIS B 183 -6.98 -8.29 8.67
N THR B 184 -6.71 -7.61 7.56
CA THR B 184 -6.22 -8.25 6.34
C THR B 184 -4.70 -8.09 6.28
N PHE B 185 -3.99 -9.21 6.20
CA PHE B 185 -2.54 -9.24 6.20
C PHE B 185 -2.00 -9.08 4.77
N PRO B 186 -0.86 -8.41 4.61
CA PRO B 186 -0.25 -8.29 3.28
C PRO B 186 0.07 -9.65 2.69
N ALA B 187 0.16 -9.69 1.37
CA ALA B 187 0.35 -10.94 0.68
C ALA B 187 1.80 -11.43 0.78
N VAL B 188 1.97 -12.71 0.51
CA VAL B 188 3.30 -13.33 0.42
C VAL B 188 3.54 -13.70 -1.03
N LEU B 189 4.79 -13.52 -1.47
CA LEU B 189 5.19 -13.93 -2.81
C LEU B 189 5.79 -15.32 -2.71
N GLN B 190 5.00 -16.33 -3.08
CA GLN B 190 5.46 -17.70 -3.03
C GLN B 190 6.52 -17.96 -4.09
N SER B 191 7.29 -19.03 -3.89
CA SER B 191 8.35 -19.37 -4.83
C SER B 191 7.81 -19.68 -6.23
N SER B 192 6.53 -20.02 -6.34
CA SER B 192 5.91 -20.29 -7.63
C SER B 192 5.56 -19.03 -8.39
N GLY B 193 5.78 -17.85 -7.81
CA GLY B 193 5.40 -16.60 -8.44
C GLY B 193 3.97 -16.18 -8.21
N LEU B 194 3.20 -16.93 -7.42
CA LEU B 194 1.81 -16.61 -7.13
C LEU B 194 1.70 -16.01 -5.74
N TYR B 195 0.72 -15.12 -5.56
CA TYR B 195 0.51 -14.44 -4.30
C TYR B 195 -0.51 -15.19 -3.45
N SER B 196 -0.47 -14.92 -2.15
CA SER B 196 -1.43 -15.47 -1.20
C SER B 196 -1.48 -14.58 0.03
N LEU B 197 -2.69 -14.38 0.56
CA LEU B 197 -2.85 -13.65 1.81
C LEU B 197 -4.04 -14.21 2.56
N SER B 198 -4.19 -13.74 3.80
CA SER B 198 -5.30 -14.14 4.65
C SER B 198 -5.96 -12.90 5.24
N SER B 199 -7.24 -13.02 5.55
CA SER B 199 -8.00 -11.97 6.21
C SER B 199 -8.73 -12.57 7.40
N VAL B 200 -8.51 -12.01 8.58
CA VAL B 200 -9.07 -12.54 9.81
C VAL B 200 -9.94 -11.47 10.45
N VAL B 201 -10.98 -11.91 11.16
CA VAL B 201 -11.88 -11.01 11.88
C VAL B 201 -12.16 -11.60 13.26
N THR B 202 -12.12 -10.74 14.28
CA THR B 202 -12.39 -11.15 15.64
C THR B 202 -13.85 -10.86 15.97
N VAL B 203 -14.55 -11.87 16.47
CA VAL B 203 -15.98 -11.77 16.74
C VAL B 203 -16.25 -12.35 18.12
N PRO B 204 -17.40 -12.02 18.72
CA PRO B 204 -17.76 -12.65 20.00
C PRO B 204 -17.93 -14.15 19.82
N SER B 205 -17.32 -14.92 20.74
CA SER B 205 -17.44 -16.37 20.67
C SER B 205 -18.86 -16.85 20.90
N SER B 206 -19.71 -16.04 21.56
CA SER B 206 -21.10 -16.40 21.77
C SER B 206 -21.95 -16.28 20.52
N SER B 207 -21.38 -15.80 19.41
CA SER B 207 -22.11 -15.61 18.16
C SER B 207 -21.76 -16.65 17.11
N LEU B 208 -20.84 -17.56 17.40
CA LEU B 208 -20.36 -18.50 16.39
C LEU B 208 -21.45 -19.45 15.92
N GLY B 209 -22.45 -19.72 16.75
CA GLY B 209 -23.54 -20.59 16.37
C GLY B 209 -24.79 -19.89 15.88
N THR B 210 -24.82 -18.56 15.91
CA THR B 210 -26.02 -17.81 15.57
C THR B 210 -25.84 -16.84 14.41
N GLN B 211 -24.63 -16.35 14.16
CA GLN B 211 -24.38 -15.33 13.15
C GLN B 211 -23.70 -15.94 11.93
N THR B 212 -24.05 -15.41 10.75
CA THR B 212 -23.44 -15.80 9.50
C THR B 212 -22.27 -14.90 9.17
N TYR B 213 -21.13 -15.50 8.82
CA TYR B 213 -19.92 -14.76 8.49
C TYR B 213 -19.49 -15.15 7.09
N ILE B 214 -19.40 -14.15 6.21
CA ILE B 214 -19.03 -14.35 4.80
C ILE B 214 -17.96 -13.33 4.44
N CYS B 215 -16.87 -13.80 3.85
CA CYS B 215 -15.82 -12.93 3.36
C CYS B 215 -16.02 -12.71 1.87
N ASN B 216 -15.88 -11.45 1.44
CA ASN B 216 -16.06 -11.06 0.04
C ASN B 216 -14.68 -10.76 -0.53
N VAL B 217 -14.16 -11.68 -1.35
CA VAL B 217 -12.85 -11.54 -1.96
C VAL B 217 -13.03 -11.02 -3.38
N ASN B 218 -12.37 -9.91 -3.70
CA ASN B 218 -12.42 -9.32 -5.03
C ASN B 218 -11.01 -9.29 -5.61
N HIS B 219 -10.86 -9.84 -6.83
CA HIS B 219 -9.60 -9.86 -7.55
C HIS B 219 -9.85 -9.27 -8.93
N LYS B 220 -9.69 -7.96 -9.04
CA LYS B 220 -10.02 -7.27 -10.29
C LYS B 220 -9.20 -7.73 -11.49
N PRO B 221 -7.87 -7.99 -11.40
CA PRO B 221 -7.13 -8.39 -12.59
C PRO B 221 -7.69 -9.60 -13.32
N SER B 222 -8.45 -10.45 -12.62
CA SER B 222 -9.08 -11.61 -13.23
C SER B 222 -10.59 -11.51 -13.32
N ASN B 223 -11.17 -10.36 -12.95
CA ASN B 223 -12.62 -10.15 -12.97
C ASN B 223 -13.36 -11.23 -12.18
N THR B 224 -12.83 -11.57 -11.00
CA THR B 224 -13.39 -12.62 -10.16
C THR B 224 -13.80 -12.05 -8.81
N LYS B 225 -14.90 -12.55 -8.27
CA LYS B 225 -15.37 -12.18 -6.94
C LYS B 225 -15.95 -13.42 -6.29
N VAL B 226 -15.48 -13.72 -5.08
CA VAL B 226 -15.92 -14.92 -4.35
C VAL B 226 -16.49 -14.49 -3.01
N ASP B 227 -17.60 -15.13 -2.62
CA ASP B 227 -18.25 -14.88 -1.34
C ASP B 227 -18.24 -16.20 -0.57
N LYS B 228 -17.25 -16.37 0.32
CA LYS B 228 -17.04 -17.62 1.01
C LYS B 228 -17.65 -17.58 2.41
N ARG B 229 -18.47 -18.57 2.72
CA ARG B 229 -19.05 -18.68 4.05
C ARG B 229 -18.10 -19.37 5.00
N VAL B 230 -18.00 -18.83 6.22
CA VAL B 230 -17.11 -19.37 7.25
C VAL B 230 -17.97 -19.83 8.42
N GLU B 231 -17.96 -21.13 8.69
CA GLU B 231 -18.75 -21.75 9.72
C GLU B 231 -17.86 -22.49 10.72
N PRO B 232 -18.34 -22.74 11.93
CA PRO B 232 -17.55 -23.50 12.90
C PRO B 232 -17.31 -24.94 12.45
N LYS B 233 -16.35 -25.58 13.11
CA LYS B 233 -16.00 -26.96 12.82
C LYS B 233 -17.12 -27.91 13.22
#